data_9F4R
#
_entry.id   9F4R
#
_cell.length_a   38.106
_cell.length_b   44.045
_cell.length_c   56.217
_cell.angle_alpha   90.000
_cell.angle_beta   94.230
_cell.angle_gamma   90.000
#
_symmetry.space_group_name_H-M   'P 1 21 1'
#
loop_
_entity.id
_entity.type
_entity.pdbx_description
1 polymer 'Heterogeneous nuclear ribonucleoprotein A1, N-terminally processed'
2 non-polymer N-ethyl-6-methylpyridazin-3-amine
3 water water
#
_entity_poly.entity_id   1
_entity_poly.type   'polypeptide(L)'
_entity_poly.pdbx_seq_one_letter_code
;GPMGSKSESPKEPEQLRKLFIGGLSFETTDESLRSHFEQWGTLTDCVVMRDPNTKRSRGFGFVTYATVEEVDAAMNARPH
KVDGRVVEPKRAVSREDSQRPGAHLTVKKIFVGGIKEDTEEHHLRDYFEQYGKIEVIEIMTDRGSGKKRGFAFVTFDDHD
SVDKIVIQKYHTVNGHNCEVRKALSKQEMASASSSQRG
;
_entity_poly.pdbx_strand_id   A
#
# COMPACT_ATOMS: atom_id res chain seq x y z
N PRO A 10 -15.92 1.45 -16.01
CA PRO A 10 -15.01 0.56 -16.74
C PRO A 10 -13.87 0.05 -15.85
N LYS A 11 -12.68 -0.02 -16.42
CA LYS A 11 -11.52 -0.59 -15.75
C LYS A 11 -10.82 0.47 -14.93
N GLU A 12 -10.37 0.09 -13.73
CA GLU A 12 -9.57 1.01 -12.93
C GLU A 12 -8.29 1.35 -13.70
N PRO A 13 -7.74 2.54 -13.47
CA PRO A 13 -6.46 2.89 -14.12
C PRO A 13 -5.39 1.83 -13.92
N GLU A 14 -4.69 1.53 -15.01
CA GLU A 14 -3.63 0.52 -14.99
C GLU A 14 -2.61 0.76 -13.88
N GLN A 15 -2.23 2.02 -13.66
CA GLN A 15 -1.25 2.34 -12.62
C GLN A 15 -1.65 1.80 -11.26
N LEU A 16 -2.96 1.78 -10.96
CA LEU A 16 -3.44 1.32 -9.66
C LEU A 16 -3.57 -0.20 -9.59
N ARG A 17 -3.30 -0.91 -10.68
CA ARG A 17 -3.39 -2.35 -10.73
C ARG A 17 -2.02 -3.03 -10.76
N LYS A 18 -0.94 -2.25 -10.65
CA LYS A 18 0.42 -2.78 -10.76
C LYS A 18 0.99 -3.10 -9.39
N LEU A 19 1.84 -4.12 -9.35
CA LEU A 19 2.67 -4.34 -8.17
C LEU A 19 4.10 -4.37 -8.65
N PHE A 20 4.95 -3.59 -7.99
N PHE A 20 4.93 -3.49 -8.09
CA PHE A 20 6.38 -3.59 -8.26
CA PHE A 20 6.37 -3.61 -8.26
C PHE A 20 7.08 -4.50 -7.24
C PHE A 20 6.82 -4.73 -7.32
N ILE A 21 7.79 -5.52 -7.75
CA ILE A 21 8.22 -6.68 -6.97
C ILE A 21 9.73 -6.60 -6.86
N GLY A 22 10.24 -6.21 -5.68
CA GLY A 22 11.67 -6.16 -5.47
C GLY A 22 12.21 -7.42 -4.81
N GLY A 23 13.53 -7.54 -4.81
CA GLY A 23 14.19 -8.66 -4.16
C GLY A 23 14.04 -9.98 -4.85
N LEU A 24 13.85 -10.00 -6.17
CA LEU A 24 13.66 -11.24 -6.89
C LEU A 24 14.94 -12.07 -6.87
N SER A 25 14.78 -13.38 -6.87
CA SER A 25 15.89 -14.24 -7.25
C SER A 25 16.28 -13.94 -8.71
N PHE A 26 17.59 -13.90 -8.96
CA PHE A 26 18.06 -13.71 -10.35
C PHE A 26 17.61 -14.84 -11.27
N GLU A 27 17.18 -15.99 -10.74
CA GLU A 27 16.69 -17.04 -11.61
C GLU A 27 15.19 -16.93 -11.93
N THR A 28 14.49 -15.99 -11.31
CA THR A 28 13.07 -15.79 -11.64
C THR A 28 12.93 -15.23 -13.06
N THR A 29 11.96 -15.75 -13.79
CA THR A 29 11.67 -15.39 -15.18
C THR A 29 10.28 -14.78 -15.26
N ASP A 30 9.98 -14.19 -16.42
CA ASP A 30 8.61 -13.76 -16.68
C ASP A 30 7.62 -14.87 -16.36
N GLU A 31 7.97 -16.08 -16.79
CA GLU A 31 7.07 -17.22 -16.64
C GLU A 31 6.91 -17.65 -15.19
N SER A 32 8.01 -17.70 -14.42
CA SER A 32 7.88 -18.15 -13.03
C SER A 32 7.25 -17.08 -12.15
N LEU A 33 7.50 -15.79 -12.44
CA LEU A 33 6.84 -14.72 -11.69
C LEU A 33 5.34 -14.75 -11.94
N ARG A 34 4.95 -14.98 -13.21
CA ARG A 34 3.52 -15.05 -13.55
C ARG A 34 2.85 -16.25 -12.91
N SER A 35 3.48 -17.44 -12.98
CA SER A 35 2.88 -18.62 -12.36
C SER A 35 2.64 -18.41 -10.89
N HIS A 36 3.56 -17.70 -10.21
CA HIS A 36 3.37 -17.40 -8.80
C HIS A 36 2.18 -16.47 -8.58
N PHE A 37 2.20 -15.30 -9.21
CA PHE A 37 1.21 -14.29 -8.85
C PHE A 37 -0.14 -14.49 -9.50
N GLU A 38 -0.25 -15.40 -10.48
CA GLU A 38 -1.59 -15.72 -10.99
C GLU A 38 -2.45 -16.44 -9.97
N GLN A 39 -1.88 -16.86 -8.83
CA GLN A 39 -2.70 -17.46 -7.78
C GLN A 39 -3.71 -16.48 -7.20
N TRP A 40 -3.46 -15.16 -7.30
CA TRP A 40 -4.35 -14.18 -6.68
C TRP A 40 -5.12 -13.33 -7.67
N GLY A 41 -5.02 -13.60 -8.96
CA GLY A 41 -5.87 -12.94 -9.93
C GLY A 41 -5.34 -13.06 -11.35
N THR A 42 -6.12 -12.51 -12.27
CA THR A 42 -5.74 -12.47 -13.69
C THR A 42 -4.63 -11.45 -13.89
N LEU A 43 -3.53 -11.86 -14.53
CA LEU A 43 -2.43 -10.95 -14.83
C LEU A 43 -2.47 -10.52 -16.29
N THR A 44 -2.64 -9.22 -16.52
CA THR A 44 -2.54 -8.67 -17.88
C THR A 44 -1.11 -8.39 -18.30
N ASP A 45 -0.16 -8.36 -17.37
CA ASP A 45 1.23 -8.12 -17.73
C ASP A 45 2.10 -8.66 -16.59
N CYS A 46 3.32 -9.08 -16.93
CA CYS A 46 4.25 -9.65 -15.95
C CYS A 46 5.65 -9.66 -16.58
N VAL A 47 6.55 -8.84 -16.05
N VAL A 47 6.57 -8.89 -16.01
CA VAL A 47 7.89 -8.69 -16.62
CA VAL A 47 7.88 -8.69 -16.60
C VAL A 47 8.95 -8.71 -15.53
C VAL A 47 8.95 -8.72 -15.52
N VAL A 48 10.06 -9.38 -15.80
CA VAL A 48 11.26 -9.31 -14.97
C VAL A 48 12.19 -8.32 -15.67
N MET A 49 12.67 -7.32 -14.94
CA MET A 49 13.61 -6.36 -15.54
C MET A 49 14.99 -6.99 -15.65
N ARG A 50 15.64 -6.78 -16.81
CA ARG A 50 16.90 -7.40 -17.14
C ARG A 50 17.85 -6.38 -17.75
N ASP A 51 19.15 -6.62 -17.60
CA ASP A 51 20.16 -5.82 -18.28
C ASP A 51 20.01 -5.95 -19.80
N PRO A 52 20.08 -4.85 -20.55
CA PRO A 52 19.87 -4.92 -22.01
C PRO A 52 20.99 -5.64 -22.76
N ASN A 53 22.20 -5.72 -22.19
CA ASN A 53 23.30 -6.38 -22.87
C ASN A 53 23.54 -7.80 -22.37
N THR A 54 23.54 -8.02 -21.06
CA THR A 54 23.84 -9.34 -20.51
C THR A 54 22.62 -10.22 -20.35
N LYS A 55 21.42 -9.65 -20.37
CA LYS A 55 20.16 -10.30 -20.01
C LYS A 55 20.14 -10.81 -18.57
N ARG A 56 21.14 -10.48 -17.76
CA ARG A 56 21.09 -10.85 -16.34
C ARG A 56 20.01 -10.03 -15.64
N SER A 57 19.25 -10.70 -14.76
CA SER A 57 18.18 -10.05 -14.01
C SER A 57 18.69 -8.85 -13.21
N ARG A 58 17.88 -7.80 -13.18
CA ARG A 58 18.11 -6.66 -12.29
C ARG A 58 17.55 -6.89 -10.89
N GLY A 59 16.93 -8.04 -10.65
CA GLY A 59 16.43 -8.34 -9.31
C GLY A 59 15.09 -7.74 -8.99
N PHE A 60 14.38 -7.18 -9.96
CA PHE A 60 13.02 -6.72 -9.70
C PHE A 60 12.21 -6.84 -10.97
N GLY A 61 10.89 -6.73 -10.79
CA GLY A 61 9.96 -6.77 -11.90
C GLY A 61 8.64 -6.16 -11.48
N PHE A 62 7.63 -6.38 -12.31
N PHE A 62 7.63 -6.38 -12.31
CA PHE A 62 6.29 -5.92 -11.98
CA PHE A 62 6.29 -5.86 -12.07
C PHE A 62 5.25 -6.85 -12.57
C PHE A 62 5.26 -6.85 -12.58
N VAL A 63 4.08 -6.84 -11.97
CA VAL A 63 2.94 -7.60 -12.46
C VAL A 63 1.78 -6.62 -12.51
N THR A 64 0.85 -6.84 -13.43
CA THR A 64 -0.36 -6.02 -13.54
C THR A 64 -1.58 -6.93 -13.46
N TYR A 65 -2.43 -6.70 -12.46
CA TYR A 65 -3.66 -7.46 -12.30
C TYR A 65 -4.81 -6.82 -13.08
N ALA A 66 -5.89 -7.58 -13.26
CA ALA A 66 -7.06 -7.05 -13.96
C ALA A 66 -7.88 -6.07 -13.11
N THR A 67 -7.84 -6.21 -11.77
CA THR A 67 -8.63 -5.36 -10.88
C THR A 67 -7.82 -5.03 -9.63
N VAL A 68 -8.25 -3.95 -8.97
CA VAL A 68 -7.64 -3.52 -7.72
C VAL A 68 -7.88 -4.56 -6.62
N GLU A 69 -9.08 -5.18 -6.58
CA GLU A 69 -9.31 -6.23 -5.59
C GLU A 69 -8.29 -7.35 -5.72
N GLU A 70 -7.83 -7.65 -6.93
CA GLU A 70 -6.78 -8.66 -7.10
C GLU A 70 -5.46 -8.19 -6.51
N VAL A 71 -5.08 -6.92 -6.71
CA VAL A 71 -3.89 -6.37 -6.05
C VAL A 71 -4.00 -6.56 -4.54
N ASP A 72 -5.17 -6.21 -3.97
CA ASP A 72 -5.40 -6.38 -2.53
C ASP A 72 -5.18 -7.84 -2.13
N ALA A 73 -5.72 -8.78 -2.92
CA ALA A 73 -5.57 -10.19 -2.59
C ALA A 73 -4.11 -10.60 -2.56
N ALA A 74 -3.35 -10.13 -3.55
CA ALA A 74 -1.93 -10.44 -3.59
C ALA A 74 -1.21 -9.82 -2.38
N MET A 75 -1.52 -8.56 -2.04
CA MET A 75 -0.84 -8.01 -0.85
C MET A 75 -1.30 -8.67 0.44
N ASN A 76 -2.54 -9.16 0.49
CA ASN A 76 -2.96 -9.83 1.71
C ASN A 76 -2.32 -11.21 1.86
N ALA A 77 -1.74 -11.75 0.78
CA ALA A 77 -1.09 -13.05 0.83
C ALA A 77 0.42 -12.97 1.07
N ARG A 78 0.96 -11.78 1.36
CA ARG A 78 2.35 -11.67 1.79
C ARG A 78 2.51 -12.44 3.10
N PRO A 79 3.72 -12.93 3.40
CA PRO A 79 4.95 -12.83 2.61
C PRO A 79 4.94 -13.77 1.42
N HIS A 80 5.45 -13.30 0.29
CA HIS A 80 5.57 -14.10 -0.92
C HIS A 80 6.99 -14.64 -1.05
N LYS A 81 7.11 -15.96 -1.10
CA LYS A 81 8.37 -16.63 -1.42
C LYS A 81 8.28 -17.09 -2.85
N VAL A 82 9.10 -16.49 -3.70
CA VAL A 82 9.06 -16.71 -5.15
C VAL A 82 10.38 -17.31 -5.56
N ASP A 83 10.33 -18.54 -6.07
CA ASP A 83 11.53 -19.26 -6.50
C ASP A 83 12.56 -19.31 -5.37
N GLY A 84 12.06 -19.50 -4.14
CA GLY A 84 12.90 -19.72 -2.98
C GLY A 84 13.31 -18.48 -2.22
N ARG A 85 12.88 -17.30 -2.65
CA ARG A 85 13.31 -16.05 -2.05
C ARG A 85 12.10 -15.21 -1.67
N VAL A 86 12.12 -14.64 -0.46
CA VAL A 86 11.02 -13.77 -0.05
C VAL A 86 11.19 -12.43 -0.78
N VAL A 87 10.16 -12.04 -1.53
CA VAL A 87 10.23 -10.81 -2.33
C VAL A 87 9.50 -9.67 -1.64
N GLU A 88 9.55 -8.48 -2.24
CA GLU A 88 8.97 -7.26 -1.66
C GLU A 88 8.02 -6.59 -2.63
N PRO A 89 6.72 -6.92 -2.58
CA PRO A 89 5.75 -6.27 -3.46
C PRO A 89 5.31 -4.94 -2.88
N LYS A 90 5.18 -3.94 -3.76
CA LYS A 90 4.65 -2.63 -3.39
C LYS A 90 3.77 -2.09 -4.50
N ARG A 91 2.70 -1.38 -4.13
CA ARG A 91 1.93 -0.66 -5.14
C ARG A 91 2.74 0.48 -5.74
N ALA A 92 2.30 0.96 -6.90
CA ALA A 92 2.89 2.15 -7.53
C ALA A 92 2.76 3.40 -6.65
N HIS A 104 9.27 5.09 -4.48
CA HIS A 104 8.26 4.80 -3.46
C HIS A 104 8.73 5.33 -2.10
N LEU A 105 7.88 6.07 -1.40
CA LEU A 105 8.19 6.57 -0.07
C LEU A 105 7.43 5.69 0.91
N THR A 106 8.11 4.67 1.45
CA THR A 106 7.44 3.57 2.12
C THR A 106 7.37 3.82 3.63
N VAL A 107 6.19 4.22 4.10
CA VAL A 107 6.01 4.57 5.50
C VAL A 107 4.76 3.90 6.03
N LYS A 108 4.66 3.86 7.36
CA LYS A 108 3.55 3.21 8.06
C LYS A 108 2.65 4.20 8.80
N LYS A 109 2.84 5.51 8.62
CA LYS A 109 2.15 6.52 9.41
C LYS A 109 1.51 7.55 8.48
N ILE A 110 0.29 8.00 8.83
CA ILE A 110 -0.41 9.03 8.08
C ILE A 110 -0.73 10.21 8.98
N PHE A 111 -0.75 11.38 8.37
CA PHE A 111 -1.36 12.59 8.90
C PHE A 111 -2.83 12.62 8.47
N VAL A 112 -3.73 12.91 9.40
CA VAL A 112 -5.16 13.06 9.13
C VAL A 112 -5.57 14.46 9.58
N GLY A 113 -5.89 15.32 8.63
CA GLY A 113 -6.27 16.68 8.96
C GLY A 113 -7.72 17.00 8.66
N GLY A 114 -8.23 18.07 9.26
CA GLY A 114 -9.60 18.48 9.06
C GLY A 114 -10.63 17.83 9.96
N ILE A 115 -10.21 17.21 11.07
CA ILE A 115 -11.14 16.48 11.92
C ILE A 115 -11.76 17.36 13.00
N LYS A 116 -11.32 18.63 13.11
CA LYS A 116 -11.89 19.60 14.04
C LYS A 116 -11.78 19.15 15.49
N GLU A 117 -12.65 19.66 16.36
CA GLU A 117 -12.53 19.42 17.79
C GLU A 117 -13.38 18.26 18.30
N ASP A 118 -14.27 17.72 17.47
CA ASP A 118 -15.23 16.71 17.92
C ASP A 118 -14.89 15.29 17.47
N THR A 119 -13.76 15.05 16.82
CA THR A 119 -13.41 13.72 16.36
C THR A 119 -12.61 13.00 17.45
N GLU A 120 -13.01 11.77 17.76
CA GLU A 120 -12.48 10.95 18.84
C GLU A 120 -11.65 9.80 18.28
N GLU A 121 -10.96 9.08 19.17
CA GLU A 121 -10.12 7.97 18.69
C GLU A 121 -10.95 6.89 18.02
N HIS A 122 -12.14 6.58 18.55
CA HIS A 122 -12.93 5.51 17.96
C HIS A 122 -13.42 5.87 16.56
N HIS A 123 -13.61 7.15 16.26
CA HIS A 123 -13.96 7.56 14.91
C HIS A 123 -12.85 7.18 13.94
N LEU A 124 -11.62 7.52 14.31
CA LEU A 124 -10.46 7.20 13.48
C LEU A 124 -10.24 5.70 13.41
N ARG A 125 -10.38 5.01 14.56
CA ARG A 125 -10.17 3.56 14.59
C ARG A 125 -11.17 2.83 13.70
N ASP A 126 -12.46 3.12 13.88
CA ASP A 126 -13.49 2.39 13.17
C ASP A 126 -13.36 2.56 11.66
N TYR A 127 -12.91 3.73 11.22
CA TYR A 127 -12.71 3.98 9.80
C TYR A 127 -11.42 3.34 9.29
N PHE A 128 -10.29 3.61 9.95
CA PHE A 128 -9.02 3.20 9.38
C PHE A 128 -8.65 1.73 9.61
N GLU A 129 -9.31 1.03 10.55
CA GLU A 129 -8.98 -0.37 10.79
C GLU A 129 -9.29 -1.25 9.58
N GLN A 130 -10.16 -0.79 8.68
CA GLN A 130 -10.44 -1.56 7.48
C GLN A 130 -9.36 -1.40 6.42
N TYR A 131 -8.39 -0.49 6.63
CA TYR A 131 -7.23 -0.41 5.74
C TYR A 131 -6.04 -1.21 6.24
N GLY A 132 -5.92 -1.40 7.55
CA GLY A 132 -4.78 -2.13 8.08
C GLY A 132 -4.86 -2.21 9.59
N LYS A 133 -3.93 -2.94 10.15
CA LYS A 133 -3.88 -3.11 11.61
C LYS A 133 -3.27 -1.86 12.22
N ILE A 134 -4.00 -1.21 13.12
CA ILE A 134 -3.57 0.04 13.72
C ILE A 134 -2.74 -0.25 14.96
N GLU A 135 -1.58 0.42 15.08
CA GLU A 135 -0.78 0.31 16.30
C GLU A 135 -0.81 1.57 17.16
N VAL A 136 -0.94 2.76 16.57
CA VAL A 136 -0.97 4.01 17.34
C VAL A 136 -2.01 4.95 16.75
N ILE A 137 -2.80 5.58 17.62
CA ILE A 137 -3.66 6.68 17.23
C ILE A 137 -3.31 7.86 18.12
N GLU A 138 -2.91 8.97 17.51
CA GLU A 138 -2.48 10.13 18.27
C GLU A 138 -3.31 11.34 17.82
N ILE A 139 -4.31 11.72 18.62
CA ILE A 139 -5.10 12.92 18.34
C ILE A 139 -4.38 14.11 18.97
N MET A 140 -4.11 15.13 18.15
CA MET A 140 -3.19 16.18 18.57
C MET A 140 -3.90 17.26 19.37
N THR A 141 -3.25 17.69 20.44
CA THR A 141 -3.81 18.67 21.35
C THR A 141 -2.82 19.80 21.54
N ASP A 142 -3.35 20.97 21.92
CA ASP A 142 -2.51 22.15 22.09
C ASP A 142 -1.64 21.99 23.33
N ARG A 143 -0.35 22.31 23.17
CA ARG A 143 0.63 22.14 24.24
C ARG A 143 0.30 23.02 25.44
N GLY A 144 -0.31 24.18 25.22
CA GLY A 144 -0.67 25.08 26.31
C GLY A 144 -2.02 24.88 26.95
N SER A 145 -3.06 24.66 26.13
CA SER A 145 -4.44 24.62 26.59
C SER A 145 -5.03 23.23 26.66
N GLY A 146 -4.42 22.25 26.01
CA GLY A 146 -5.01 20.94 25.89
C GLY A 146 -6.15 20.83 24.90
N LYS A 147 -6.48 21.91 24.20
CA LYS A 147 -7.57 21.83 23.24
C LYS A 147 -7.17 21.02 22.02
N LYS A 148 -8.13 20.34 21.43
CA LYS A 148 -7.85 19.59 20.22
C LYS A 148 -7.51 20.52 19.07
N ARG A 149 -6.49 20.15 18.30
CA ARG A 149 -6.02 21.01 17.23
C ARG A 149 -6.63 20.68 15.88
N GLY A 150 -7.34 19.58 15.75
CA GLY A 150 -8.01 19.27 14.50
C GLY A 150 -7.23 18.39 13.56
N PHE A 151 -6.25 17.65 14.05
CA PHE A 151 -5.56 16.67 13.22
C PHE A 151 -5.02 15.56 14.10
N ALA A 152 -4.60 14.47 13.46
CA ALA A 152 -4.17 13.28 14.18
C ALA A 152 -3.15 12.53 13.32
N PHE A 153 -2.46 11.61 13.97
CA PHE A 153 -1.60 10.66 13.27
C PHE A 153 -2.02 9.23 13.59
N VAL A 154 -2.07 8.39 12.56
CA VAL A 154 -2.36 6.97 12.72
C VAL A 154 -1.17 6.17 12.20
N THR A 155 -0.67 5.24 13.02
CA THR A 155 0.42 4.34 12.65
C THR A 155 -0.09 2.92 12.51
N PHE A 156 0.24 2.29 11.38
CA PHE A 156 -0.15 0.93 11.06
C PHE A 156 1.04 0.00 11.24
N ASP A 157 0.78 -1.31 11.16
CA ASP A 157 1.88 -2.25 11.29
C ASP A 157 2.56 -2.53 9.96
N ASP A 158 2.13 -1.89 8.89
CA ASP A 158 2.63 -2.23 7.56
C ASP A 158 2.28 -1.10 6.58
N HIS A 159 3.13 -0.96 5.56
CA HIS A 159 3.04 0.18 4.65
C HIS A 159 1.88 0.09 3.67
N ASP A 160 1.35 -1.11 3.40
CA ASP A 160 0.36 -1.18 2.33
C ASP A 160 -0.93 -0.48 2.72
N SER A 161 -1.27 -0.51 4.01
N SER A 161 -1.27 -0.49 4.02
CA SER A 161 -2.40 0.25 4.51
CA SER A 161 -2.43 0.25 4.49
C SER A 161 -2.32 1.69 4.05
C SER A 161 -2.33 1.72 4.09
N VAL A 162 -1.16 2.32 4.32
CA VAL A 162 -0.95 3.73 3.95
C VAL A 162 -1.05 3.92 2.44
N ASP A 163 -0.42 3.01 1.68
CA ASP A 163 -0.46 3.13 0.22
C ASP A 163 -1.88 3.05 -0.32
N LYS A 164 -2.74 2.20 0.25
CA LYS A 164 -4.15 2.20 -0.13
C LYS A 164 -4.85 3.50 0.25
N ILE A 165 -4.53 4.03 1.43
CA ILE A 165 -5.22 5.22 1.93
C ILE A 165 -4.92 6.43 1.05
N VAL A 166 -3.65 6.67 0.74
CA VAL A 166 -3.31 7.94 0.12
C VAL A 166 -3.66 8.01 -1.36
N ILE A 167 -4.04 6.90 -2.00
CA ILE A 167 -4.47 7.00 -3.39
C ILE A 167 -5.97 7.27 -3.52
N GLN A 168 -6.73 7.17 -2.43
CA GLN A 168 -8.15 7.52 -2.49
C GLN A 168 -8.30 9.03 -2.71
N LYS A 169 -9.32 9.41 -3.49
CA LYS A 169 -9.60 10.84 -3.66
C LYS A 169 -10.17 11.46 -2.39
N TYR A 170 -10.97 10.70 -1.63
CA TYR A 170 -11.73 11.24 -0.51
C TYR A 170 -11.60 10.35 0.73
N HIS A 171 -11.62 10.99 1.90
CA HIS A 171 -11.80 10.29 3.17
C HIS A 171 -12.80 11.06 4.01
N THR A 172 -13.89 10.40 4.42
CA THR A 172 -14.91 10.98 5.27
C THR A 172 -14.87 10.29 6.62
N VAL A 173 -14.57 11.06 7.66
CA VAL A 173 -14.47 10.55 9.02
C VAL A 173 -15.25 11.48 9.94
N ASN A 174 -16.20 10.91 10.68
CA ASN A 174 -17.03 11.68 11.62
C ASN A 174 -17.72 12.84 10.89
N GLY A 175 -18.17 12.56 9.66
CA GLY A 175 -18.80 13.56 8.82
C GLY A 175 -17.90 14.62 8.24
N HIS A 176 -16.60 14.60 8.53
CA HIS A 176 -15.68 15.59 8.03
C HIS A 176 -14.98 15.07 6.78
N ASN A 177 -14.75 15.96 5.82
CA ASN A 177 -13.95 15.65 4.64
C ASN A 177 -12.49 15.90 5.00
N CYS A 178 -11.71 14.82 5.10
CA CYS A 178 -10.38 14.87 5.68
C CYS A 178 -9.28 14.91 4.62
N GLU A 179 -8.17 15.54 4.99
CA GLU A 179 -6.96 15.55 4.19
C GLU A 179 -5.99 14.53 4.79
N VAL A 180 -5.56 13.55 4.00
CA VAL A 180 -4.71 12.49 4.51
C VAL A 180 -3.44 12.41 3.67
N ARG A 181 -2.30 12.36 4.34
CA ARG A 181 -1.03 12.25 3.64
C ARG A 181 -0.09 11.37 4.44
N LYS A 182 0.95 10.87 3.76
CA LYS A 182 2.02 10.15 4.42
C LYS A 182 2.72 11.05 5.44
N ALA A 183 3.05 10.49 6.60
CA ALA A 183 3.76 11.18 7.67
C ALA A 183 5.12 10.53 7.91
N LEU A 184 6.17 11.35 8.00
CA LEU A 184 7.55 10.85 8.18
C LEU A 184 8.04 10.90 9.62
#